data_4MV5
#
_entry.id   4MV5
#
_cell.length_a   70.130
_cell.length_b   80.900
_cell.length_c   111.890
_cell.angle_alpha   90.00
_cell.angle_beta   90.00
_cell.angle_gamma   90.00
#
_symmetry.space_group_name_H-M   'P 21 21 21'
#
loop_
_entity.id
_entity.type
_entity.pdbx_description
1 polymer '4-hydroxy-3-methylbut-2-enyl diphosphate reductase'
2 non-polymer 'FE3-S4 CLUSTER'
3 non-polymer '(6-chloropyridin-3-yl)methyl trihydrogen diphosphate'
4 water water
#
_entity_poly.entity_id   1
_entity_poly.type   'polypeptide(L)'
_entity_poly.pdbx_seq_one_letter_code
;MRGSHHHHHHGSMQILLANPRGFCAGVDRAISIVENALAIYGAPIYVRHEVVHNRYVVDSLRERGAIFIEQISEVPDGAI
LIFSAHGVSQAVRNEAKSRDLTVFDATCPLVTKVHMEVARASRRGEESILIGHAGHPEVEGTMGQYSNPEGGMYLVESPD
DVWKLTVKNEEKLSFMTQTTLSVDDTSDVIDALRKRFPKIVGPRKDDICYATTNRQEAVRALAEQAEVVLVVGSKNSSNS
NRLAELAQRMGKRAFLIDDAKDIQEEWVKEVKCVGVTAGASAPDILVQNVVARLQQLGGGEAIPLEGREENIVFEVPKEL
RVDIREV
;
_entity_poly.pdbx_strand_id   A,B
#
# COMPACT_ATOMS: atom_id res chain seq x y z
N MET A 13 37.46 10.29 -9.74
CA MET A 13 35.99 10.61 -9.84
C MET A 13 35.19 9.72 -8.89
N GLN A 14 34.38 10.34 -8.04
CA GLN A 14 33.55 9.62 -7.09
C GLN A 14 32.25 9.23 -7.79
N ILE A 15 31.83 7.97 -7.66
CA ILE A 15 30.53 7.54 -8.16
C ILE A 15 29.62 7.32 -6.99
N LEU A 16 28.48 8.01 -6.98
CA LEU A 16 27.46 7.83 -5.95
C LEU A 16 26.20 7.20 -6.57
N LEU A 17 25.52 6.34 -5.81
CA LEU A 17 24.29 5.71 -6.25
C LEU A 17 23.13 6.18 -5.42
N ALA A 18 22.07 6.60 -6.08
CA ALA A 18 20.87 7.04 -5.38
C ALA A 18 20.22 5.84 -4.72
N ASN A 19 19.56 6.12 -3.60
CA ASN A 19 18.79 5.13 -2.91
C ASN A 19 17.53 5.68 -2.24
N PRO A 20 16.36 5.10 -2.59
CA PRO A 20 16.15 3.99 -3.53
C PRO A 20 16.25 4.37 -5.01
N ARG A 21 16.39 3.34 -5.84
CA ARG A 21 16.46 3.47 -7.29
C ARG A 21 15.98 2.18 -7.89
N GLY A 22 15.66 2.22 -9.18
CA GLY A 22 15.34 1.00 -9.92
C GLY A 22 13.99 0.42 -9.57
N PHE A 23 13.84 -0.89 -9.75
CA PHE A 23 12.52 -1.54 -9.76
C PHE A 23 11.67 -1.22 -8.57
N CYS A 24 10.42 -0.88 -8.86
CA CYS A 24 9.36 -0.82 -7.87
C CYS A 24 8.63 -2.16 -7.77
N ALA A 25 7.67 -2.23 -6.85
CA ALA A 25 6.88 -3.43 -6.64
C ALA A 25 5.90 -3.73 -7.81
N GLY A 26 5.36 -2.71 -8.42
CA GLY A 26 4.46 -2.88 -9.58
C GLY A 26 5.20 -3.45 -10.79
N VAL A 27 6.40 -2.94 -11.01
CA VAL A 27 7.17 -3.39 -12.18
C VAL A 27 7.62 -4.83 -12.00
N ASP A 28 8.12 -5.14 -10.82
CA ASP A 28 8.59 -6.49 -10.51
C ASP A 28 7.45 -7.51 -10.66
N ARG A 29 6.26 -7.15 -10.19
CA ARG A 29 5.09 -8.02 -10.40
C ARG A 29 4.70 -8.17 -11.87
N ALA A 30 4.65 -7.06 -12.60
CA ALA A 30 4.19 -7.13 -13.99
C ALA A 30 5.14 -8.00 -14.82
N ILE A 31 6.44 -7.86 -14.57
CA ILE A 31 7.44 -8.63 -15.30
C ILE A 31 7.29 -10.10 -14.99
N SER A 32 7.12 -10.43 -13.71
CA SER A 32 6.94 -11.81 -13.32
C SER A 32 5.67 -12.41 -13.91
N ILE A 33 4.62 -11.60 -14.09
CA ILE A 33 3.38 -12.08 -14.66
C ILE A 33 3.64 -12.61 -16.09
N VAL A 34 4.37 -11.83 -16.88
CA VAL A 34 4.69 -12.21 -18.24
C VAL A 34 5.62 -13.44 -18.25
N GLU A 35 6.72 -13.36 -17.49
CA GLU A 35 7.66 -14.49 -17.37
C GLU A 35 6.96 -15.78 -16.99
N ASN A 36 6.15 -15.73 -15.94
CA ASN A 36 5.44 -16.91 -15.46
C ASN A 36 4.41 -17.43 -16.45
N ALA A 37 3.74 -16.53 -17.16
CA ALA A 37 2.82 -16.94 -18.19
C ALA A 37 3.56 -17.68 -19.31
N LEU A 38 4.68 -17.13 -19.77
CA LEU A 38 5.54 -17.78 -20.78
C LEU A 38 6.03 -19.14 -20.31
N ALA A 39 6.39 -19.26 -19.03
CA ALA A 39 6.88 -20.51 -18.47
C ALA A 39 5.78 -21.55 -18.33
N ILE A 40 4.56 -21.11 -18.07
CA ILE A 40 3.44 -22.04 -17.90
C ILE A 40 2.80 -22.45 -19.24
N TYR A 41 2.59 -21.48 -20.14
CA TYR A 41 1.84 -21.71 -21.39
C TYR A 41 2.71 -21.75 -22.64
N GLY A 42 4.02 -21.53 -22.51
CA GLY A 42 4.91 -21.38 -23.66
C GLY A 42 4.61 -20.12 -24.45
N ALA A 43 5.47 -19.82 -25.42
CA ALA A 43 5.21 -18.75 -26.38
C ALA A 43 4.15 -19.21 -27.38
N PRO A 44 3.43 -18.27 -28.00
CA PRO A 44 3.48 -16.83 -27.74
C PRO A 44 2.57 -16.45 -26.57
N ILE A 45 2.95 -15.38 -25.86
CA ILE A 45 2.06 -14.71 -24.91
C ILE A 45 1.91 -13.30 -25.44
N TYR A 46 0.67 -12.86 -25.61
CA TYR A 46 0.44 -11.52 -26.09
C TYR A 46 0.32 -10.55 -24.94
N VAL A 47 0.92 -9.38 -25.13
CA VAL A 47 0.91 -8.30 -24.13
C VAL A 47 0.48 -6.99 -24.81
N ARG A 48 -0.52 -6.33 -24.24
CA ARG A 48 -1.01 -5.07 -24.76
C ARG A 48 -0.17 -3.88 -24.27
N HIS A 49 0.56 -3.24 -25.19
CA HIS A 49 1.49 -2.15 -24.91
C HIS A 49 2.74 -2.74 -24.23
N GLU A 50 3.85 -2.02 -24.24
CA GLU A 50 5.03 -2.42 -23.50
C GLU A 50 4.60 -2.70 -22.04
N VAL A 51 5.02 -3.84 -21.50
CA VAL A 51 4.55 -4.25 -20.18
C VAL A 51 4.93 -3.22 -19.10
N VAL A 52 6.14 -2.67 -19.27
CA VAL A 52 6.64 -1.53 -18.55
C VAL A 52 7.44 -0.73 -19.59
N HIS A 53 7.78 0.51 -19.29
CA HIS A 53 8.47 1.34 -20.28
C HIS A 53 9.98 1.23 -20.17
N ASN A 54 10.50 0.06 -20.52
CA ASN A 54 11.91 -0.17 -20.55
C ASN A 54 12.27 -1.08 -21.74
N ARG A 55 13.04 -0.51 -22.65
CA ARG A 55 13.50 -1.20 -23.84
C ARG A 55 14.16 -2.56 -23.55
N TYR A 56 15.10 -2.59 -22.61
CA TYR A 56 15.79 -3.83 -22.24
C TYR A 56 14.84 -4.95 -21.76
N VAL A 57 13.90 -4.60 -20.88
CA VAL A 57 12.90 -5.54 -20.37
C VAL A 57 12.01 -6.01 -21.51
N VAL A 58 11.56 -5.07 -22.34
CA VAL A 58 10.68 -5.39 -23.47
C VAL A 58 11.40 -6.22 -24.54
N ASP A 59 12.59 -5.80 -24.95
CA ASP A 59 13.36 -6.56 -25.95
C ASP A 59 13.61 -7.97 -25.44
N SER A 60 13.98 -8.11 -24.16
CA SER A 60 14.21 -9.42 -23.53
C SER A 60 12.99 -10.31 -23.69
N LEU A 61 11.87 -9.85 -23.16
CA LEU A 61 10.62 -10.59 -23.17
C LEU A 61 10.19 -10.91 -24.62
N ARG A 62 10.47 -10.00 -25.56
CA ARG A 62 10.19 -10.23 -26.97
C ARG A 62 11.08 -11.33 -27.55
N GLU A 63 12.35 -11.36 -27.14
CA GLU A 63 13.27 -12.42 -27.57
C GLU A 63 12.85 -13.78 -26.99
N ARG A 64 12.16 -13.78 -25.85
CA ARG A 64 11.61 -15.03 -25.26
C ARG A 64 10.17 -15.37 -25.68
N GLY A 65 9.64 -14.68 -26.68
CA GLY A 65 8.34 -15.05 -27.27
C GLY A 65 7.10 -14.30 -26.76
N ALA A 66 7.28 -13.23 -26.00
CA ALA A 66 6.19 -12.31 -25.71
C ALA A 66 5.97 -11.48 -26.98
N ILE A 67 4.71 -11.24 -27.33
CA ILE A 67 4.39 -10.39 -28.47
C ILE A 67 3.62 -9.16 -28.01
N PHE A 68 4.21 -8.00 -28.21
CA PHE A 68 3.62 -6.73 -27.81
C PHE A 68 2.75 -6.16 -28.94
N ILE A 69 1.58 -5.62 -28.60
CA ILE A 69 0.60 -5.14 -29.57
C ILE A 69 -0.10 -3.91 -28.98
N GLU A 70 -0.51 -2.95 -29.83
CA GLU A 70 -1.17 -1.75 -29.31
C GLU A 70 -2.69 -1.91 -29.21
N GLN A 71 -3.26 -2.81 -30.01
CA GLN A 71 -4.70 -3.02 -30.02
C GLN A 71 -5.08 -4.49 -29.99
N ILE A 72 -6.20 -4.77 -29.34
CA ILE A 72 -6.70 -6.14 -29.15
C ILE A 72 -7.04 -6.83 -30.47
N SER A 73 -7.37 -6.05 -31.50
CA SER A 73 -7.64 -6.60 -32.84
C SER A 73 -6.41 -7.29 -33.47
N GLU A 74 -5.21 -6.91 -33.03
CA GLU A 74 -3.97 -7.56 -33.47
C GLU A 74 -3.81 -8.97 -32.87
N VAL A 75 -4.43 -9.19 -31.71
CA VAL A 75 -4.33 -10.48 -31.00
C VAL A 75 -5.26 -11.51 -31.64
N PRO A 76 -4.76 -12.75 -31.84
CA PRO A 76 -5.59 -13.80 -32.42
C PRO A 76 -6.47 -14.51 -31.38
N ASP A 77 -7.47 -15.26 -31.86
CA ASP A 77 -8.41 -15.98 -31.00
C ASP A 77 -7.79 -17.18 -30.28
N GLY A 78 -8.26 -17.44 -29.07
CA GLY A 78 -7.74 -18.53 -28.24
C GLY A 78 -6.43 -18.19 -27.53
N ALA A 79 -5.98 -16.95 -27.63
CA ALA A 79 -4.65 -16.55 -27.12
C ALA A 79 -4.71 -16.11 -25.68
N ILE A 80 -3.53 -16.07 -25.05
CA ILE A 80 -3.40 -15.47 -23.71
C ILE A 80 -2.94 -14.04 -23.90
N LEU A 81 -3.66 -13.11 -23.27
CA LEU A 81 -3.35 -11.69 -23.38
C LEU A 81 -3.07 -11.16 -21.99
N ILE A 82 -2.07 -10.29 -21.87
CA ILE A 82 -1.77 -9.66 -20.59
C ILE A 82 -1.94 -8.15 -20.72
N PHE A 83 -2.58 -7.50 -19.74
CA PHE A 83 -2.61 -6.03 -19.73
C PHE A 83 -1.37 -5.51 -19.03
N SER A 84 -0.80 -4.44 -19.58
CA SER A 84 0.45 -3.85 -19.06
C SER A 84 0.27 -3.19 -17.69
N ALA A 85 1.38 -2.86 -17.06
CA ALA A 85 1.38 -2.32 -15.72
C ALA A 85 0.62 -1.01 -15.64
N HIS A 86 0.50 -0.31 -16.76
CA HIS A 86 -0.12 1.03 -16.82
C HIS A 86 -1.63 1.00 -16.76
N GLY A 87 -2.24 -0.16 -16.93
CA GLY A 87 -3.68 -0.30 -16.81
C GLY A 87 -4.38 -0.06 -18.13
N VAL A 88 -5.67 -0.36 -18.17
CA VAL A 88 -6.44 -0.24 -19.42
C VAL A 88 -7.82 0.32 -19.16
N SER A 89 -8.43 0.87 -20.20
CA SER A 89 -9.78 1.44 -20.09
C SER A 89 -10.84 0.33 -19.89
N GLN A 90 -12.03 0.71 -19.44
CA GLN A 90 -13.13 -0.24 -19.40
C GLN A 90 -13.35 -0.78 -20.82
N ALA A 91 -13.32 0.12 -21.80
CA ALA A 91 -13.58 -0.22 -23.19
C ALA A 91 -12.68 -1.36 -23.66
N VAL A 92 -11.38 -1.20 -23.43
CA VAL A 92 -10.40 -2.22 -23.77
C VAL A 92 -10.65 -3.51 -22.99
N ARG A 93 -10.95 -3.38 -21.69
CA ARG A 93 -11.22 -4.54 -20.87
C ARG A 93 -12.43 -5.31 -21.39
N ASN A 94 -13.48 -4.58 -21.72
CA ASN A 94 -14.68 -5.21 -22.29
C ASN A 94 -14.44 -5.82 -23.68
N GLU A 95 -13.64 -5.16 -24.51
CA GLU A 95 -13.28 -5.69 -25.84
C GLU A 95 -12.52 -7.03 -25.73
N ALA A 96 -11.68 -7.16 -24.71
CA ALA A 96 -10.97 -8.41 -24.44
C ALA A 96 -11.89 -9.48 -23.84
N LYS A 97 -12.72 -9.08 -22.88
CA LYS A 97 -13.65 -10.02 -22.23
C LYS A 97 -14.70 -10.59 -23.19
N SER A 98 -15.09 -9.80 -24.20
CA SER A 98 -16.09 -10.21 -25.18
C SER A 98 -15.49 -11.06 -26.30
N ARG A 99 -14.22 -11.42 -26.19
CA ARG A 99 -13.60 -12.24 -27.21
C ARG A 99 -12.98 -13.52 -26.63
N ASP A 100 -12.43 -14.33 -27.51
CA ASP A 100 -12.00 -15.69 -27.20
C ASP A 100 -10.64 -15.73 -26.50
N LEU A 101 -10.48 -14.97 -25.41
CA LEU A 101 -9.17 -14.71 -24.81
C LEU A 101 -9.06 -15.07 -23.32
N THR A 102 -7.93 -15.60 -22.92
CA THR A 102 -7.59 -15.77 -21.50
C THR A 102 -6.78 -14.54 -21.12
N VAL A 103 -7.22 -13.83 -20.09
CA VAL A 103 -6.67 -12.53 -19.72
C VAL A 103 -6.03 -12.63 -18.34
N PHE A 104 -4.81 -12.11 -18.23
CA PHE A 104 -4.18 -11.85 -16.93
C PHE A 104 -3.87 -10.36 -16.90
N ASP A 105 -3.99 -9.74 -15.73
CA ASP A 105 -3.92 -8.29 -15.63
C ASP A 105 -2.68 -7.88 -14.83
N ALA A 106 -1.68 -7.33 -15.51
CA ALA A 106 -0.48 -6.85 -14.82
C ALA A 106 -0.58 -5.40 -14.32
N THR A 107 -1.75 -4.77 -14.44
CA THR A 107 -1.94 -3.40 -13.96
C THR A 107 -1.49 -3.31 -12.52
N CYS A 108 -0.71 -2.28 -12.20
CA CYS A 108 -0.28 -2.09 -10.81
C CYS A 108 -1.38 -1.87 -9.77
N PRO A 109 -1.32 -2.58 -8.63
CA PRO A 109 -2.32 -2.32 -7.61
C PRO A 109 -2.53 -0.83 -7.28
N LEU A 110 -1.51 0.00 -7.46
CA LEU A 110 -1.59 1.42 -7.10
C LEU A 110 -2.26 2.24 -8.20
N VAL A 111 -2.32 1.68 -9.40
CA VAL A 111 -3.13 2.26 -10.48
C VAL A 111 -4.58 1.82 -10.33
N THR A 112 -4.77 0.55 -10.03
CA THR A 112 -6.11 0.03 -9.81
C THR A 112 -6.85 0.83 -8.73
N LYS A 113 -6.16 1.19 -7.66
CA LYS A 113 -6.75 1.99 -6.60
C LYS A 113 -7.35 3.30 -7.16
N VAL A 114 -6.60 3.96 -8.03
CA VAL A 114 -7.07 5.18 -8.63
C VAL A 114 -8.27 4.91 -9.55
N HIS A 115 -8.19 3.84 -10.34
CA HIS A 115 -9.27 3.42 -11.24
C HIS A 115 -10.58 3.25 -10.47
N MET A 116 -10.49 2.58 -9.32
CA MET A 116 -11.68 2.30 -8.50
C MET A 116 -12.36 3.59 -8.05
N GLU A 117 -11.59 4.66 -7.80
CA GLU A 117 -12.16 5.94 -7.41
C GLU A 117 -12.80 6.70 -8.56
N VAL A 118 -12.19 6.64 -9.74
CA VAL A 118 -12.81 7.18 -10.92
C VAL A 118 -14.16 6.47 -11.19
N ALA A 119 -14.17 5.14 -11.11
CA ALA A 119 -15.39 4.36 -11.38
C ALA A 119 -16.53 4.75 -10.42
N ARG A 120 -16.19 4.90 -9.14
CA ARG A 120 -17.15 5.38 -8.16
C ARG A 120 -17.75 6.73 -8.57
N ALA A 121 -16.89 7.68 -8.89
CA ALA A 121 -17.34 9.01 -9.31
C ALA A 121 -18.26 8.92 -10.54
N SER A 122 -17.95 8.03 -11.46
CA SER A 122 -18.77 7.81 -12.65
C SER A 122 -20.14 7.28 -12.27
N ARG A 123 -20.21 6.35 -11.31
CA ARG A 123 -21.49 5.80 -10.85
C ARG A 123 -22.38 6.83 -10.13
N ARG A 124 -21.78 7.90 -9.63
CA ARG A 124 -22.53 8.94 -8.93
C ARG A 124 -22.91 10.13 -9.84
N GLY A 125 -22.51 10.11 -11.10
CA GLY A 125 -22.70 11.26 -11.98
C GLY A 125 -22.03 12.53 -11.46
N GLU A 126 -20.84 12.36 -10.86
CA GLU A 126 -20.14 13.46 -10.22
C GLU A 126 -18.82 13.62 -10.93
N GLU A 127 -18.51 14.85 -11.31
CA GLU A 127 -17.41 15.10 -12.21
C GLU A 127 -16.07 14.88 -11.51
N SER A 128 -15.11 14.40 -12.27
CA SER A 128 -13.76 14.15 -11.76
C SER A 128 -12.72 14.82 -12.65
N ILE A 129 -11.65 15.29 -12.02
CA ILE A 129 -10.53 15.90 -12.71
C ILE A 129 -9.27 15.05 -12.46
N LEU A 130 -8.64 14.59 -13.55
CA LEU A 130 -7.34 13.91 -13.48
C LEU A 130 -6.18 14.88 -13.76
N ILE A 131 -5.18 14.87 -12.89
CA ILE A 131 -3.92 15.55 -13.14
C ILE A 131 -2.99 14.54 -13.82
N GLY A 132 -2.56 14.84 -15.04
CA GLY A 132 -1.64 13.92 -15.74
C GLY A 132 -1.33 14.47 -17.11
N HIS A 133 -0.63 13.69 -17.92
CA HIS A 133 -0.06 14.17 -19.18
C HIS A 133 -0.83 13.51 -20.34
N ALA A 134 -1.43 14.33 -21.22
CA ALA A 134 -2.20 13.83 -22.37
C ALA A 134 -1.43 12.74 -23.15
N GLY A 135 -2.12 11.66 -23.52
CA GLY A 135 -1.55 10.60 -24.36
C GLY A 135 -0.84 9.47 -23.64
N HIS A 136 -0.48 9.66 -22.38
CA HIS A 136 0.14 8.61 -21.59
C HIS A 136 -0.87 7.47 -21.37
N PRO A 137 -0.43 6.20 -21.49
CA PRO A 137 -1.36 5.06 -21.36
C PRO A 137 -2.07 4.94 -19.99
N GLU A 138 -1.40 5.30 -18.90
CA GLU A 138 -2.07 5.37 -17.60
C GLU A 138 -3.26 6.32 -17.62
N VAL A 139 -3.06 7.49 -18.21
CA VAL A 139 -4.15 8.48 -18.35
C VAL A 139 -5.31 7.91 -19.18
N GLU A 140 -4.99 7.24 -20.29
CA GLU A 140 -6.04 6.64 -21.12
C GLU A 140 -6.81 5.61 -20.31
N GLY A 141 -6.11 4.74 -19.60
CA GLY A 141 -6.78 3.77 -18.75
C GLY A 141 -7.61 4.37 -17.63
N THR A 142 -7.06 5.39 -16.97
CA THR A 142 -7.73 6.00 -15.83
C THR A 142 -8.93 6.84 -16.28
N MET A 143 -8.76 7.70 -17.28
CA MET A 143 -9.89 8.47 -17.87
C MET A 143 -10.94 7.50 -18.36
N GLY A 144 -10.48 6.36 -18.89
CA GLY A 144 -11.37 5.34 -19.44
C GLY A 144 -12.15 4.49 -18.45
N GLN A 145 -12.08 4.82 -17.16
CA GLN A 145 -12.98 4.25 -16.16
C GLN A 145 -14.22 5.11 -15.95
N TYR A 146 -14.27 6.27 -16.60
CA TYR A 146 -15.42 7.16 -16.44
C TYR A 146 -16.29 7.06 -17.70
N SER A 147 -17.56 6.70 -17.52
CA SER A 147 -18.48 6.52 -18.66
C SER A 147 -19.79 7.30 -18.58
N ASN A 148 -20.15 7.82 -17.40
CA ASN A 148 -21.45 8.46 -17.22
C ASN A 148 -21.54 9.82 -17.91
N PRO A 149 -22.43 9.96 -18.92
CA PRO A 149 -22.60 11.25 -19.63
C PRO A 149 -23.14 12.42 -18.80
N GLU A 150 -23.83 12.13 -17.70
CA GLU A 150 -24.41 13.18 -16.84
C GLU A 150 -23.34 13.89 -16.00
N GLY A 151 -22.24 13.20 -15.73
CA GLY A 151 -21.08 13.82 -15.08
C GLY A 151 -20.07 14.25 -16.14
N GLY A 152 -18.79 14.01 -15.87
CA GLY A 152 -17.73 14.38 -16.80
C GLY A 152 -16.36 14.03 -16.22
N MET A 153 -15.38 13.87 -17.11
CA MET A 153 -13.99 13.53 -16.72
C MET A 153 -13.04 14.44 -17.48
N TYR A 154 -12.25 15.24 -16.74
CA TYR A 154 -11.41 16.26 -17.35
C TYR A 154 -9.93 16.04 -17.03
N LEU A 155 -9.07 16.40 -17.96
CA LEU A 155 -7.63 16.24 -17.79
C LEU A 155 -7.00 17.62 -17.64
N VAL A 156 -6.17 17.82 -16.62
CA VAL A 156 -5.39 19.04 -16.49
C VAL A 156 -3.93 18.65 -16.26
N GLU A 157 -3.01 19.44 -16.82
CA GLU A 157 -1.59 19.21 -16.64
C GLU A 157 -0.90 20.30 -15.82
N SER A 158 -1.45 21.51 -15.82
CA SER A 158 -0.74 22.67 -15.29
C SER A 158 -1.74 23.58 -14.55
N PRO A 159 -1.22 24.52 -13.74
CA PRO A 159 -2.16 25.49 -13.20
C PRO A 159 -2.94 26.25 -14.27
N ASP A 160 -2.30 26.59 -15.40
CA ASP A 160 -3.01 27.31 -16.48
C ASP A 160 -4.21 26.52 -16.97
N ASP A 161 -4.06 25.20 -17.09
CA ASP A 161 -5.17 24.32 -17.50
C ASP A 161 -6.31 24.42 -16.51
N VAL A 162 -5.99 24.49 -15.21
CA VAL A 162 -6.99 24.64 -14.18
C VAL A 162 -7.73 25.99 -14.34
N TRP A 163 -6.95 27.05 -14.58
CA TRP A 163 -7.46 28.41 -14.70
C TRP A 163 -8.47 28.55 -15.85
N LYS A 164 -8.41 27.68 -16.86
CA LYS A 164 -9.39 27.73 -17.96
C LYS A 164 -10.44 26.60 -17.97
N LEU A 165 -10.43 25.74 -16.95
CA LEU A 165 -11.41 24.66 -16.89
C LEU A 165 -12.75 25.14 -16.35
N THR A 166 -13.83 24.75 -17.03
CA THR A 166 -15.17 25.00 -16.56
C THR A 166 -15.87 23.64 -16.40
N VAL A 167 -16.59 23.49 -15.30
CA VAL A 167 -17.30 22.24 -15.01
C VAL A 167 -18.76 22.58 -14.76
N LYS A 168 -19.59 21.54 -14.85
CA LYS A 168 -21.04 21.71 -14.75
C LYS A 168 -21.52 21.90 -13.33
N ASN A 169 -20.97 21.16 -12.38
CA ASN A 169 -21.31 21.36 -10.98
C ASN A 169 -20.10 21.26 -10.10
N GLU A 170 -19.62 22.41 -9.68
CA GLU A 170 -18.38 22.43 -8.92
C GLU A 170 -18.58 22.20 -7.43
N GLU A 171 -19.85 21.99 -7.02
CA GLU A 171 -20.18 21.56 -5.67
C GLU A 171 -19.89 20.08 -5.48
N LYS A 172 -19.96 19.31 -6.56
CA LYS A 172 -19.73 17.87 -6.57
C LYS A 172 -18.56 17.51 -7.50
N LEU A 173 -17.35 17.60 -6.97
CA LEU A 173 -16.16 17.54 -7.81
C LEU A 173 -15.06 16.81 -7.03
N SER A 174 -14.36 15.89 -7.68
CA SER A 174 -13.23 15.21 -7.03
C SER A 174 -12.04 15.16 -8.00
N PHE A 175 -10.84 14.97 -7.47
CA PHE A 175 -9.66 14.87 -8.33
C PHE A 175 -8.84 13.63 -8.01
N MET A 176 -8.04 13.25 -9.00
CA MET A 176 -7.16 12.08 -8.95
C MET A 176 -5.91 12.48 -9.71
N THR A 177 -4.85 11.70 -9.55
CA THR A 177 -3.60 11.99 -10.25
C THR A 177 -3.01 10.72 -10.84
N GLN A 178 -2.20 10.93 -11.85
CA GLN A 178 -1.26 9.93 -12.35
C GLN A 178 -0.26 9.60 -11.22
N THR A 179 0.31 8.39 -11.28
CA THR A 179 1.17 7.85 -10.20
C THR A 179 2.62 8.30 -10.28
N THR A 180 3.04 8.86 -11.42
CA THR A 180 4.45 9.07 -11.72
C THR A 180 4.81 10.53 -12.00
N LEU A 181 3.99 11.44 -11.50
CA LEU A 181 4.17 12.86 -11.69
C LEU A 181 5.27 13.42 -10.80
N SER A 182 5.77 14.60 -11.17
CA SER A 182 6.58 15.42 -10.25
C SER A 182 5.78 15.73 -9.00
N VAL A 183 6.32 15.39 -7.84
CA VAL A 183 5.68 15.73 -6.57
C VAL A 183 5.49 17.27 -6.49
N ASP A 184 6.54 18.04 -6.72
CA ASP A 184 6.48 19.51 -6.62
C ASP A 184 5.48 20.13 -7.59
N ASP A 185 5.59 19.81 -8.89
CA ASP A 185 4.64 20.37 -9.88
C ASP A 185 3.19 20.01 -9.55
N THR A 186 2.96 18.79 -9.09
CA THR A 186 1.62 18.36 -8.78
C THR A 186 1.04 19.19 -7.64
N SER A 187 1.87 19.47 -6.64
CA SER A 187 1.50 20.34 -5.55
C SER A 187 0.98 21.71 -6.06
N ASP A 188 1.65 22.31 -7.06
CA ASP A 188 1.19 23.58 -7.62
C ASP A 188 -0.19 23.44 -8.29
N VAL A 189 -0.43 22.29 -8.92
CA VAL A 189 -1.70 22.05 -9.63
C VAL A 189 -2.84 21.90 -8.63
N ILE A 190 -2.58 21.15 -7.56
CA ILE A 190 -3.59 20.97 -6.52
C ILE A 190 -3.90 22.30 -5.81
N ASP A 191 -2.89 23.13 -5.54
CA ASP A 191 -3.14 24.45 -4.94
C ASP A 191 -4.08 25.25 -5.83
N ALA A 192 -3.86 25.17 -7.14
CA ALA A 192 -4.72 25.84 -8.12
C ALA A 192 -6.14 25.29 -8.12
N LEU A 193 -6.29 23.97 -8.18
CA LEU A 193 -7.63 23.37 -8.14
C LEU A 193 -8.43 23.81 -6.91
N ARG A 194 -7.77 23.87 -5.75
CA ARG A 194 -8.45 24.26 -4.51
C ARG A 194 -8.82 25.73 -4.46
N LYS A 195 -8.05 26.59 -5.13
CA LYS A 195 -8.38 28.02 -5.21
C LYS A 195 -9.52 28.26 -6.18
N ARG A 196 -9.52 27.54 -7.30
CA ARG A 196 -10.61 27.63 -8.29
C ARG A 196 -11.89 26.92 -7.87
N PHE A 197 -11.75 25.75 -7.24
CA PHE A 197 -12.88 24.91 -6.85
C PHE A 197 -12.77 24.59 -5.37
N PRO A 198 -13.20 25.52 -4.50
CA PRO A 198 -13.00 25.34 -3.06
C PRO A 198 -13.62 24.09 -2.46
N LYS A 199 -14.66 23.51 -3.07
CA LYS A 199 -15.32 22.30 -2.51
C LYS A 199 -14.77 20.99 -3.09
N ILE A 200 -13.79 21.09 -3.97
CA ILE A 200 -13.20 19.88 -4.55
C ILE A 200 -12.68 18.95 -3.46
N VAL A 201 -12.88 17.67 -3.69
CA VAL A 201 -12.52 16.61 -2.78
C VAL A 201 -11.39 15.75 -3.38
N GLY A 202 -10.43 15.35 -2.58
CA GLY A 202 -9.35 14.49 -3.08
C GLY A 202 -8.77 13.59 -2.01
N PRO A 203 -7.69 12.88 -2.34
CA PRO A 203 -6.93 12.22 -1.28
C PRO A 203 -6.26 13.27 -0.40
N ARG A 204 -5.58 12.82 0.65
CA ARG A 204 -4.91 13.76 1.53
C ARG A 204 -3.91 14.65 0.79
N LYS A 205 -3.13 14.01 -0.10
CA LYS A 205 -2.13 14.71 -0.87
C LYS A 205 -2.39 14.49 -2.38
N ASP A 206 -2.03 13.33 -2.89
CA ASP A 206 -2.27 13.04 -4.30
C ASP A 206 -2.25 11.52 -4.50
N ASP A 207 -2.25 11.06 -5.74
CA ASP A 207 -2.14 9.61 -6.01
C ASP A 207 -0.74 9.20 -6.50
N ILE A 208 0.26 10.04 -6.27
CA ILE A 208 1.65 9.71 -6.66
C ILE A 208 2.12 8.57 -5.76
N CYS A 209 2.62 7.49 -6.37
CA CYS A 209 2.97 6.29 -5.63
C CYS A 209 4.22 6.49 -4.78
N TYR A 210 4.40 5.59 -3.83
CA TYR A 210 5.57 5.60 -2.90
C TYR A 210 6.88 5.55 -3.69
N ALA A 211 6.91 4.74 -4.76
CA ALA A 211 8.14 4.57 -5.55
C ALA A 211 8.59 5.88 -6.24
N THR A 212 7.63 6.56 -6.86
CA THR A 212 7.87 7.87 -7.51
C THR A 212 8.32 8.91 -6.47
N THR A 213 7.56 9.06 -5.40
CA THR A 213 7.95 9.92 -4.27
C THR A 213 9.36 9.63 -3.74
N ASN A 214 9.65 8.36 -3.47
CA ASN A 214 10.95 7.97 -2.92
C ASN A 214 12.11 8.22 -3.92
N ARG A 215 11.91 7.91 -5.19
CA ARG A 215 12.99 8.13 -6.16
C ARG A 215 13.27 9.61 -6.41
N GLN A 216 12.24 10.43 -6.37
CA GLN A 216 12.44 11.87 -6.46
C GLN A 216 13.16 12.46 -5.23
N GLU A 217 12.77 12.04 -4.05
CA GLU A 217 13.52 12.38 -2.82
C GLU A 217 14.99 11.94 -2.92
N ALA A 218 15.21 10.73 -3.41
CA ALA A 218 16.56 10.19 -3.52
C ALA A 218 17.44 10.92 -4.54
N VAL A 219 16.85 11.30 -5.68
CA VAL A 219 17.61 11.99 -6.68
C VAL A 219 17.88 13.44 -6.25
N ARG A 220 17.02 14.03 -5.44
CA ARG A 220 17.33 15.33 -4.84
C ARG A 220 18.60 15.26 -3.97
N ALA A 221 18.65 14.28 -3.07
CA ALA A 221 19.82 14.10 -2.20
C ALA A 221 21.07 13.85 -3.03
N LEU A 222 20.94 13.05 -4.09
CA LEU A 222 22.03 12.77 -5.02
C LEU A 222 22.57 14.03 -5.69
N ALA A 223 21.66 14.80 -6.29
CA ALA A 223 22.02 16.00 -7.03
C ALA A 223 22.62 17.08 -6.14
N GLU A 224 22.34 17.02 -4.84
CA GLU A 224 22.99 17.88 -3.87
C GLU A 224 24.51 17.62 -3.80
N GLN A 225 24.94 16.38 -4.07
CA GLN A 225 26.35 16.01 -3.99
C GLN A 225 27.07 15.86 -5.33
N ALA A 226 26.33 15.46 -6.36
CA ALA A 226 26.91 15.17 -7.66
C ALA A 226 26.81 16.37 -8.60
N GLU A 227 27.82 16.55 -9.44
CA GLU A 227 27.83 17.59 -10.48
C GLU A 227 27.02 17.14 -11.70
N VAL A 228 27.08 15.85 -11.99
CA VAL A 228 26.37 15.29 -13.12
C VAL A 228 25.56 14.11 -12.64
N VAL A 229 24.33 13.97 -13.12
CA VAL A 229 23.46 12.83 -12.73
C VAL A 229 23.04 12.03 -13.97
N LEU A 230 23.32 10.73 -13.93
CA LEU A 230 22.85 9.82 -14.96
C LEU A 230 21.62 9.09 -14.47
N VAL A 231 20.54 9.15 -15.24
CA VAL A 231 19.32 8.44 -14.92
C VAL A 231 19.10 7.31 -15.91
N VAL A 232 19.16 6.08 -15.42
CA VAL A 232 18.95 4.92 -16.26
C VAL A 232 17.46 4.70 -16.44
N GLY A 233 17.02 4.80 -17.67
CA GLY A 233 15.64 4.55 -18.00
C GLY A 233 15.37 4.95 -19.42
N SER A 234 14.29 4.43 -20.01
CA SER A 234 13.98 4.69 -21.40
C SER A 234 13.31 6.04 -21.63
N LYS A 235 13.33 6.52 -22.87
CA LYS A 235 12.79 7.85 -23.22
C LYS A 235 11.30 7.97 -22.94
N ASN A 236 10.59 6.86 -23.08
CA ASN A 236 9.16 6.88 -22.86
C ASN A 236 8.77 6.52 -21.40
N SER A 237 9.75 6.51 -20.49
CA SER A 237 9.45 6.31 -19.06
C SER A 237 9.22 7.67 -18.42
N SER A 238 7.96 7.93 -18.07
CA SER A 238 7.55 9.18 -17.44
C SER A 238 8.30 9.43 -16.13
N ASN A 239 8.28 8.43 -15.25
CA ASN A 239 8.93 8.58 -13.95
C ASN A 239 10.47 8.84 -14.10
N SER A 240 11.10 8.18 -15.06
CA SER A 240 12.55 8.42 -15.29
C SER A 240 12.80 9.86 -15.74
N ASN A 241 11.94 10.35 -16.64
CA ASN A 241 12.03 11.71 -17.12
C ASN A 241 11.92 12.69 -15.95
N ARG A 242 11.01 12.44 -14.99
CA ARG A 242 10.89 13.35 -13.81
C ARG A 242 12.17 13.40 -12.98
N LEU A 243 12.88 12.29 -12.88
CA LEU A 243 14.14 12.26 -12.13
C LEU A 243 15.21 13.13 -12.78
N ALA A 244 15.32 13.00 -14.09
CA ALA A 244 16.34 13.78 -14.81
C ALA A 244 15.98 15.27 -14.70
N GLU A 245 14.70 15.57 -14.89
CA GLU A 245 14.19 16.94 -14.80
C GLU A 245 14.47 17.56 -13.43
N LEU A 246 14.25 16.81 -12.35
CA LEU A 246 14.44 17.29 -10.98
C LEU A 246 15.90 17.71 -10.78
N ALA A 247 16.80 16.85 -11.24
CA ALA A 247 18.24 17.09 -11.21
C ALA A 247 18.65 18.34 -11.99
N GLN A 248 18.13 18.47 -13.21
CA GLN A 248 18.42 19.63 -14.07
C GLN A 248 17.94 20.95 -13.47
N ARG A 249 16.73 20.94 -12.97
CA ARG A 249 16.17 22.09 -12.29
C ARG A 249 16.99 22.53 -11.09
N MET A 250 17.70 21.58 -10.48
CA MET A 250 18.65 21.92 -9.41
C MET A 250 19.98 22.44 -9.96
N GLY A 251 20.09 22.55 -11.28
CA GLY A 251 21.25 23.13 -11.90
C GLY A 251 22.35 22.15 -12.26
N LYS A 252 22.08 20.85 -12.12
CA LYS A 252 23.03 19.82 -12.50
C LYS A 252 22.74 19.36 -13.92
N ARG A 253 23.78 18.97 -14.65
CA ARG A 253 23.59 18.32 -15.94
C ARG A 253 23.07 16.95 -15.60
N ALA A 254 22.03 16.52 -16.30
CA ALA A 254 21.41 15.23 -16.09
C ALA A 254 21.05 14.64 -17.43
N PHE A 255 21.24 13.32 -17.55
CA PHE A 255 21.04 12.62 -18.81
C PHE A 255 20.19 11.36 -18.59
N LEU A 256 19.16 11.17 -19.41
CA LEU A 256 18.38 9.93 -19.41
C LEU A 256 19.06 8.97 -20.38
N ILE A 257 19.46 7.79 -19.91
CA ILE A 257 20.18 6.84 -20.75
C ILE A 257 19.60 5.46 -20.59
N ASP A 258 19.48 4.73 -21.71
CA ASP A 258 19.04 3.34 -21.68
C ASP A 258 20.12 2.39 -21.18
N ASP A 259 21.35 2.65 -21.57
CA ASP A 259 22.46 1.79 -21.18
C ASP A 259 23.84 2.47 -21.32
N ALA A 260 24.88 1.75 -20.91
CA ALA A 260 26.23 2.32 -20.79
C ALA A 260 26.76 2.90 -22.09
N LYS A 261 26.35 2.32 -23.22
CA LYS A 261 26.72 2.82 -24.56
C LYS A 261 26.34 4.28 -24.80
N ASP A 262 25.29 4.78 -24.14
CA ASP A 262 24.85 6.16 -24.33
C ASP A 262 25.74 7.18 -23.62
N ILE A 263 26.64 6.73 -22.75
CA ILE A 263 27.46 7.66 -21.99
C ILE A 263 28.52 8.27 -22.92
N GLN A 264 28.43 9.59 -23.08
CA GLN A 264 29.40 10.33 -23.87
C GLN A 264 30.48 10.87 -22.93
N GLU A 265 31.73 10.62 -23.29
CA GLU A 265 32.86 10.94 -22.42
C GLU A 265 32.88 12.40 -21.93
N GLU A 266 32.48 13.33 -22.79
CA GLU A 266 32.46 14.74 -22.45
C GLU A 266 31.62 15.00 -21.20
N TRP A 267 30.55 14.22 -21.03
CA TRP A 267 29.63 14.42 -19.93
C TRP A 267 30.31 14.34 -18.58
N VAL A 268 31.35 13.51 -18.48
CA VAL A 268 32.04 13.31 -17.20
C VAL A 268 33.52 13.67 -17.20
N LYS A 269 34.02 14.23 -18.30
CA LYS A 269 35.41 14.70 -18.34
C LYS A 269 35.64 15.80 -17.31
N GLU A 270 36.56 15.55 -16.39
CA GLU A 270 36.95 16.52 -15.37
C GLU A 270 35.82 16.75 -14.35
N VAL A 271 34.97 15.74 -14.18
CA VAL A 271 33.91 15.76 -13.19
C VAL A 271 34.40 14.98 -11.98
N LYS A 272 34.33 15.62 -10.80
CA LYS A 272 34.82 15.02 -9.56
C LYS A 272 33.78 14.11 -8.86
N CYS A 273 32.50 14.40 -9.04
CA CYS A 273 31.43 13.54 -8.46
C CYS A 273 30.29 13.36 -9.45
N VAL A 274 30.08 12.12 -9.89
CA VAL A 274 28.97 11.72 -10.78
C VAL A 274 28.00 10.86 -9.99
N GLY A 275 26.71 11.12 -10.15
CA GLY A 275 25.66 10.34 -9.49
C GLY A 275 24.89 9.52 -10.50
N VAL A 276 24.37 8.39 -10.06
CA VAL A 276 23.66 7.48 -10.93
C VAL A 276 22.39 7.07 -10.24
N THR A 277 21.27 7.14 -10.95
CA THR A 277 20.04 6.57 -10.46
C THR A 277 19.39 5.81 -11.59
N ALA A 278 18.21 5.29 -11.30
CA ALA A 278 17.44 4.51 -12.23
C ALA A 278 15.95 4.69 -11.94
N GLY A 279 15.18 4.78 -13.01
CA GLY A 279 13.72 4.78 -12.91
C GLY A 279 13.14 3.45 -12.44
N ALA A 280 11.83 3.47 -12.23
CA ALA A 280 11.14 2.35 -11.59
C ALA A 280 11.08 1.12 -12.51
N SER A 281 11.25 1.30 -13.83
CA SER A 281 11.21 0.19 -14.77
C SER A 281 12.60 -0.28 -15.26
N ALA A 282 13.67 0.22 -14.67
CA ALA A 282 15.03 -0.06 -15.13
C ALA A 282 15.71 -1.16 -14.31
N PRO A 283 16.07 -2.31 -14.94
CA PRO A 283 16.72 -3.39 -14.17
C PRO A 283 18.10 -3.01 -13.64
N ASP A 284 18.47 -3.60 -12.52
CA ASP A 284 19.74 -3.30 -11.87
C ASP A 284 20.95 -3.66 -12.76
N ILE A 285 20.84 -4.67 -13.60
CA ILE A 285 21.96 -5.01 -14.49
C ILE A 285 22.40 -3.78 -15.34
N LEU A 286 21.44 -2.95 -15.77
CA LEU A 286 21.78 -1.76 -16.56
C LEU A 286 22.60 -0.77 -15.72
N VAL A 287 22.24 -0.62 -14.44
CA VAL A 287 22.97 0.26 -13.53
C VAL A 287 24.41 -0.25 -13.34
N GLN A 288 24.55 -1.56 -13.08
CA GLN A 288 25.87 -2.21 -12.91
C GLN A 288 26.78 -1.96 -14.11
N ASN A 289 26.21 -2.06 -15.31
CA ASN A 289 27.00 -1.81 -16.54
C ASN A 289 27.38 -0.35 -16.72
N VAL A 290 26.45 0.54 -16.35
CA VAL A 290 26.75 1.96 -16.33
C VAL A 290 27.91 2.26 -15.39
N VAL A 291 27.88 1.68 -14.20
CA VAL A 291 28.94 1.89 -13.22
C VAL A 291 30.27 1.36 -13.78
N ALA A 292 30.25 0.23 -14.50
CA ALA A 292 31.50 -0.33 -15.03
C ALA A 292 32.11 0.62 -16.05
N ARG A 293 31.25 1.28 -16.83
CA ARG A 293 31.68 2.24 -17.83
C ARG A 293 32.27 3.51 -17.18
N LEU A 294 31.60 4.01 -16.15
CA LEU A 294 32.12 5.19 -15.44
C LEU A 294 33.52 4.90 -14.82
N GLN A 295 33.73 3.66 -14.43
CA GLN A 295 34.99 3.26 -13.81
C GLN A 295 36.11 3.20 -14.84
N GLN A 296 35.78 2.77 -16.06
CA GLN A 296 36.68 2.91 -17.21
C GLN A 296 37.11 4.36 -17.47
N LEU A 297 36.17 5.28 -17.25
CA LEU A 297 36.42 6.71 -17.43
C LEU A 297 36.91 7.39 -16.15
N GLY A 298 37.35 6.62 -15.18
CA GLY A 298 38.10 7.18 -14.05
C GLY A 298 37.47 7.03 -12.70
N GLY A 299 36.24 6.54 -12.64
CA GLY A 299 35.52 6.45 -11.38
C GLY A 299 36.04 5.38 -10.46
N GLY A 300 35.87 5.60 -9.15
CA GLY A 300 36.19 4.62 -8.12
C GLY A 300 35.05 3.66 -7.83
N GLU A 301 35.09 3.05 -6.66
CA GLU A 301 34.03 2.11 -6.25
C GLU A 301 32.75 2.90 -6.02
N ALA A 302 31.63 2.35 -6.47
CA ALA A 302 30.35 3.04 -6.36
C ALA A 302 29.88 3.06 -4.92
N ILE A 303 29.62 4.26 -4.41
CA ILE A 303 29.13 4.44 -3.04
C ILE A 303 27.61 4.63 -3.02
N PRO A 304 26.86 3.65 -2.46
CA PRO A 304 25.43 3.89 -2.35
C PRO A 304 25.13 4.90 -1.26
N LEU A 305 24.25 5.84 -1.55
CA LEU A 305 23.83 6.78 -0.51
C LEU A 305 22.85 6.05 0.37
N GLU A 306 22.71 6.56 1.58
CA GLU A 306 21.80 6.02 2.57
C GLU A 306 20.40 6.44 2.15
N GLY A 307 19.43 5.54 2.25
CA GLY A 307 18.12 5.81 1.68
C GLY A 307 16.97 5.39 2.53
N ARG A 308 15.80 5.95 2.21
CA ARG A 308 14.56 5.50 2.82
C ARG A 308 14.34 4.03 2.44
N GLU A 309 13.99 3.22 3.44
CA GLU A 309 13.68 1.80 3.24
C GLU A 309 12.42 1.61 2.42
N GLU A 310 12.43 0.70 1.44
CA GLU A 310 11.20 0.25 0.77
C GLU A 310 11.00 -1.20 1.14
N ASN A 311 9.77 -1.55 1.49
CA ASN A 311 9.52 -2.93 1.90
C ASN A 311 8.31 -3.59 1.20
N ILE A 312 7.68 -2.89 0.26
CA ILE A 312 6.46 -3.41 -0.33
C ILE A 312 6.76 -4.35 -1.49
N VAL A 313 6.07 -5.49 -1.50
CA VAL A 313 6.07 -6.45 -2.59
C VAL A 313 4.61 -6.73 -2.99
N PHE A 314 4.33 -6.81 -4.30
CA PHE A 314 3.05 -7.26 -4.80
C PHE A 314 3.18 -8.64 -5.46
N GLU A 315 2.46 -9.64 -4.97
CA GLU A 315 2.58 -11.01 -5.51
C GLU A 315 1.87 -11.18 -6.83
N VAL A 316 2.33 -12.11 -7.65
CA VAL A 316 1.59 -12.47 -8.88
C VAL A 316 0.29 -13.19 -8.53
N PRO A 317 -0.71 -13.14 -9.42
CA PRO A 317 -1.92 -13.89 -9.11
C PRO A 317 -1.60 -15.38 -8.89
N LYS A 318 -2.36 -16.04 -8.01
CA LYS A 318 -2.02 -17.42 -7.60
C LYS A 318 -1.95 -18.35 -8.81
N GLU A 319 -2.81 -18.09 -9.80
CA GLU A 319 -2.84 -18.86 -11.02
C GLU A 319 -1.54 -18.80 -11.83
N LEU A 320 -0.71 -17.79 -11.58
CA LEU A 320 0.56 -17.66 -12.30
C LEU A 320 1.80 -18.04 -11.48
N ARG A 321 1.60 -18.69 -10.34
CA ARG A 321 2.72 -19.18 -9.54
C ARG A 321 3.47 -20.33 -10.20
N MET B 13 -23.20 -31.68 8.29
CA MET B 13 -22.67 -30.29 8.56
C MET B 13 -21.63 -29.90 7.53
N GLN B 14 -21.91 -28.83 6.79
CA GLN B 14 -21.01 -28.29 5.80
C GLN B 14 -20.12 -27.26 6.49
N ILE B 15 -18.81 -27.38 6.31
CA ILE B 15 -17.87 -26.40 6.86
C ILE B 15 -17.46 -25.45 5.73
N LEU B 16 -17.65 -24.15 5.94
CA LEU B 16 -17.22 -23.14 4.96
C LEU B 16 -16.12 -22.27 5.55
N LEU B 17 -15.13 -21.96 4.73
CA LEU B 17 -14.04 -21.07 5.16
C LEU B 17 -14.16 -19.74 4.43
N ALA B 18 -14.09 -18.66 5.19
CA ALA B 18 -14.02 -17.33 4.60
C ALA B 18 -12.70 -17.08 3.87
N ASN B 19 -12.77 -16.33 2.78
CA ASN B 19 -11.57 -15.87 2.09
C ASN B 19 -11.73 -14.43 1.67
N PRO B 20 -10.78 -13.58 2.07
CA PRO B 20 -9.61 -13.85 2.93
C PRO B 20 -9.91 -14.02 4.41
N ARG B 21 -8.94 -14.61 5.11
CA ARG B 21 -8.97 -14.78 6.55
C ARG B 21 -7.53 -14.86 7.02
N GLY B 22 -7.31 -14.67 8.31
CA GLY B 22 -5.99 -14.92 8.90
C GLY B 22 -5.00 -13.84 8.56
N PHE B 23 -3.74 -14.20 8.59
CA PHE B 23 -2.63 -13.23 8.57
C PHE B 23 -2.77 -12.20 7.47
N CYS B 24 -2.63 -10.94 7.87
CA CYS B 24 -2.40 -9.85 6.98
C CYS B 24 -0.88 -9.67 6.78
N ALA B 25 -0.53 -8.72 5.93
CA ALA B 25 0.86 -8.46 5.62
C ALA B 25 1.61 -7.83 6.80
N GLY B 26 0.98 -6.95 7.58
CA GLY B 26 1.64 -6.33 8.73
C GLY B 26 1.98 -7.32 9.82
N VAL B 27 1.05 -8.22 10.09
CA VAL B 27 1.27 -9.26 11.08
C VAL B 27 2.39 -10.24 10.67
N ASP B 28 2.36 -10.71 9.42
CA ASP B 28 3.40 -11.61 8.88
C ASP B 28 4.79 -10.96 9.03
N ARG B 29 4.88 -9.67 8.71
CA ARG B 29 6.13 -8.98 8.88
C ARG B 29 6.52 -8.85 10.35
N ALA B 30 5.59 -8.46 11.21
CA ALA B 30 5.92 -8.20 12.62
C ALA B 30 6.40 -9.48 13.31
N ILE B 31 5.73 -10.60 13.02
CA ILE B 31 6.14 -11.89 13.61
C ILE B 31 7.52 -12.30 13.10
N SER B 32 7.77 -12.08 11.81
CA SER B 32 9.06 -12.43 11.23
C SER B 32 10.18 -11.62 11.84
N ILE B 33 9.90 -10.34 12.12
CA ILE B 33 10.88 -9.49 12.80
C ILE B 33 11.31 -10.09 14.11
N VAL B 34 10.36 -10.46 14.96
CA VAL B 34 10.72 -11.08 16.26
C VAL B 34 11.46 -12.41 16.01
N GLU B 35 10.90 -13.28 15.17
CA GLU B 35 11.51 -14.58 14.86
C GLU B 35 12.95 -14.46 14.35
N ASN B 36 13.16 -13.57 13.39
CA ASN B 36 14.47 -13.41 12.78
C ASN B 36 15.48 -12.81 13.74
N ALA B 37 15.01 -11.90 14.59
CA ALA B 37 15.88 -11.30 15.59
C ALA B 37 16.35 -12.37 16.60
N LEU B 38 15.44 -13.22 17.05
CA LEU B 38 15.81 -14.37 17.89
C LEU B 38 16.84 -15.26 17.18
N ALA B 39 16.58 -15.60 15.92
CA ALA B 39 17.51 -16.39 15.10
C ALA B 39 18.88 -15.75 14.96
N ILE B 40 18.94 -14.46 14.70
CA ILE B 40 20.21 -13.79 14.44
C ILE B 40 20.99 -13.53 15.75
N TYR B 41 20.30 -12.99 16.76
CA TYR B 41 20.95 -12.50 17.99
C TYR B 41 20.80 -13.39 19.23
N GLY B 42 19.98 -14.44 19.14
CA GLY B 42 19.70 -15.30 20.28
C GLY B 42 18.72 -14.65 21.25
N ALA B 43 18.21 -15.45 22.18
CA ALA B 43 17.40 -14.95 23.27
C ALA B 43 18.31 -14.34 24.32
N PRO B 44 17.83 -13.34 25.08
CA PRO B 44 16.51 -12.73 25.01
C PRO B 44 16.43 -11.66 23.92
N ILE B 45 15.23 -11.49 23.36
CA ILE B 45 14.86 -10.30 22.59
C ILE B 45 13.65 -9.68 23.29
N TYR B 46 13.74 -8.39 23.59
CA TYR B 46 12.63 -7.72 24.28
C TYR B 46 11.65 -7.13 23.29
N VAL B 47 10.36 -7.30 23.57
CA VAL B 47 9.32 -6.76 22.73
C VAL B 47 8.39 -5.91 23.59
N ARG B 48 8.11 -4.69 23.13
CA ARG B 48 7.23 -3.79 23.88
C ARG B 48 5.75 -4.11 23.60
N HIS B 49 5.09 -4.68 24.60
CA HIS B 49 3.71 -5.16 24.51
C HIS B 49 3.59 -6.35 23.52
N GLU B 50 2.44 -7.02 23.55
CA GLU B 50 2.17 -8.13 22.63
C GLU B 50 2.50 -7.70 21.19
N VAL B 51 3.34 -8.46 20.48
CA VAL B 51 3.74 -8.07 19.13
C VAL B 51 2.52 -7.90 18.23
N VAL B 52 1.59 -8.85 18.35
CA VAL B 52 0.24 -8.77 17.77
C VAL B 52 -0.74 -9.31 18.82
N HIS B 53 -2.03 -9.04 18.67
CA HIS B 53 -3.02 -9.48 19.66
C HIS B 53 -3.51 -10.92 19.46
N ASN B 54 -2.58 -11.85 19.62
CA ASN B 54 -2.90 -13.25 19.56
C ASN B 54 -2.10 -14.04 20.61
N ARG B 55 -2.82 -14.73 21.48
CA ARG B 55 -2.27 -15.51 22.59
C ARG B 55 -1.26 -16.57 22.13
N TYR B 56 -1.64 -17.34 21.12
CA TYR B 56 -0.78 -18.42 20.59
C TYR B 56 0.53 -17.93 19.96
N VAL B 57 0.46 -16.86 19.17
CA VAL B 57 1.64 -16.22 18.60
C VAL B 57 2.53 -15.69 19.75
N VAL B 58 1.94 -14.98 20.70
CA VAL B 58 2.74 -14.43 21.81
C VAL B 58 3.36 -15.54 22.71
N ASP B 59 2.56 -16.55 23.04
CA ASP B 59 3.03 -17.68 23.87
C ASP B 59 4.18 -18.39 23.17
N SER B 60 4.05 -18.58 21.87
CA SER B 60 5.06 -19.26 21.07
C SER B 60 6.40 -18.50 21.06
N LEU B 61 6.34 -17.18 20.87
CA LEU B 61 7.54 -16.36 20.83
C LEU B 61 8.18 -16.28 22.22
N ARG B 62 7.36 -16.32 23.27
CA ARG B 62 7.86 -16.31 24.65
C ARG B 62 8.62 -17.60 24.91
N GLU B 63 8.06 -18.71 24.43
CA GLU B 63 8.68 -20.02 24.55
C GLU B 63 10.03 -20.08 23.80
N ARG B 64 10.21 -19.31 22.72
CA ARG B 64 11.52 -19.19 22.04
C ARG B 64 12.44 -18.12 22.64
N GLY B 65 12.02 -17.45 23.71
CA GLY B 65 12.88 -16.52 24.44
C GLY B 65 12.65 -15.04 24.22
N ALA B 66 11.53 -14.68 23.58
CA ALA B 66 11.11 -13.29 23.50
C ALA B 66 10.58 -12.91 24.86
N ILE B 67 10.89 -11.70 25.30
CA ILE B 67 10.42 -11.23 26.57
C ILE B 67 9.54 -10.01 26.32
N PHE B 68 8.26 -10.15 26.66
CA PHE B 68 7.27 -9.11 26.48
C PHE B 68 7.25 -8.19 27.70
N ILE B 69 7.41 -6.88 27.46
CA ILE B 69 7.53 -5.89 28.54
C ILE B 69 6.54 -4.78 28.31
N GLU B 70 6.21 -4.04 29.37
CA GLU B 70 5.21 -2.99 29.30
C GLU B 70 5.86 -1.64 29.07
N GLN B 71 6.94 -1.38 29.82
CA GLN B 71 7.67 -0.12 29.73
C GLN B 71 9.10 -0.37 29.32
N ILE B 72 9.66 0.58 28.58
CA ILE B 72 11.01 0.49 28.06
C ILE B 72 12.05 0.45 29.17
N SER B 73 11.80 1.22 30.22
CA SER B 73 12.65 1.21 31.41
C SER B 73 12.93 -0.20 31.96
N GLU B 74 12.10 -1.19 31.62
CA GLU B 74 12.34 -2.58 32.04
C GLU B 74 13.39 -3.31 31.18
N VAL B 75 13.90 -2.67 30.13
CA VAL B 75 14.83 -3.31 29.18
C VAL B 75 16.27 -2.91 29.50
N PRO B 76 17.16 -3.88 29.71
CA PRO B 76 18.54 -3.56 30.10
C PRO B 76 19.39 -2.89 29.00
N ASP B 77 20.40 -2.12 29.38
CA ASP B 77 21.32 -1.58 28.36
C ASP B 77 21.97 -2.71 27.58
N GLY B 78 22.25 -2.45 26.31
CA GLY B 78 22.84 -3.46 25.43
C GLY B 78 21.88 -4.38 24.72
N ALA B 79 20.59 -4.31 25.05
CA ALA B 79 19.59 -5.25 24.54
C ALA B 79 19.00 -4.87 23.17
N ILE B 80 18.27 -5.81 22.58
CA ILE B 80 17.48 -5.59 21.38
C ILE B 80 16.03 -5.41 21.82
N LEU B 81 15.38 -4.38 21.28
CA LEU B 81 13.99 -4.09 21.62
C LEU B 81 13.21 -3.97 20.33
N ILE B 82 12.01 -4.55 20.31
CA ILE B 82 11.13 -4.52 19.15
C ILE B 82 9.88 -3.73 19.51
N PHE B 83 9.49 -2.77 18.69
CA PHE B 83 8.19 -2.12 18.86
C PHE B 83 7.16 -2.99 18.16
N SER B 84 5.98 -3.14 18.77
CA SER B 84 4.91 -4.01 18.24
C SER B 84 4.24 -3.45 16.99
N ALA B 85 3.38 -4.27 16.39
CA ALA B 85 2.74 -3.93 15.11
C ALA B 85 1.84 -2.71 15.25
N HIS B 86 1.25 -2.52 16.42
CA HIS B 86 0.27 -1.44 16.66
C HIS B 86 0.90 -0.06 16.68
N GLY B 87 2.23 0.02 16.77
CA GLY B 87 2.92 1.31 16.76
C GLY B 87 3.13 1.90 18.15
N VAL B 88 3.91 2.98 18.20
CA VAL B 88 4.24 3.67 19.44
C VAL B 88 4.23 5.19 19.30
N SER B 89 4.06 5.84 20.45
CA SER B 89 4.01 7.29 20.54
C SER B 89 5.40 7.84 20.25
N GLN B 90 5.48 9.13 19.91
CA GLN B 90 6.78 9.77 19.77
C GLN B 90 7.58 9.70 21.08
N ALA B 91 6.90 9.85 22.22
CA ALA B 91 7.58 9.88 23.52
C ALA B 91 8.31 8.55 23.76
N VAL B 92 7.62 7.45 23.46
CA VAL B 92 8.16 6.11 23.62
C VAL B 92 9.33 5.91 22.65
N ARG B 93 9.15 6.33 21.41
CA ARG B 93 10.23 6.25 20.44
C ARG B 93 11.46 7.02 20.88
N ASN B 94 11.27 8.25 21.35
CA ASN B 94 12.41 9.12 21.71
C ASN B 94 13.16 8.59 22.93
N GLU B 95 12.42 8.03 23.88
CA GLU B 95 13.01 7.35 25.03
C GLU B 95 13.97 6.23 24.59
N ALA B 96 13.51 5.36 23.68
CA ALA B 96 14.34 4.26 23.16
C ALA B 96 15.58 4.79 22.44
N LYS B 97 15.39 5.80 21.59
CA LYS B 97 16.49 6.45 20.88
C LYS B 97 17.60 6.98 21.81
N SER B 98 17.20 7.49 22.96
CA SER B 98 18.14 8.06 23.90
C SER B 98 18.88 6.98 24.71
N ARG B 99 18.33 5.76 24.70
CA ARG B 99 18.90 4.63 25.42
C ARG B 99 19.89 3.83 24.59
N ASP B 100 20.73 3.08 25.29
CA ASP B 100 21.75 2.22 24.69
C ASP B 100 21.08 0.91 24.30
N LEU B 101 20.30 0.95 23.22
CA LEU B 101 19.52 -0.19 22.74
C LEU B 101 19.53 -0.24 21.22
N THR B 102 19.50 -1.45 20.68
CA THR B 102 19.28 -1.65 19.25
C THR B 102 17.78 -1.85 19.09
N VAL B 103 17.16 -0.98 18.32
CA VAL B 103 15.71 -0.98 18.17
C VAL B 103 15.34 -1.42 16.75
N PHE B 104 14.39 -2.33 16.67
CA PHE B 104 13.75 -2.67 15.40
C PHE B 104 12.29 -2.37 15.53
N ASP B 105 11.71 -1.77 14.51
CA ASP B 105 10.33 -1.32 14.56
C ASP B 105 9.39 -2.22 13.78
N ALA B 106 8.53 -2.97 14.44
CA ALA B 106 7.58 -3.82 13.73
C ALA B 106 6.24 -3.15 13.43
N THR B 107 6.12 -1.83 13.66
CA THR B 107 4.89 -1.12 13.37
C THR B 107 4.44 -1.45 11.95
N CYS B 108 3.16 -1.78 11.76
CA CYS B 108 2.68 -1.99 10.39
C CYS B 108 2.84 -0.73 9.52
N PRO B 109 3.40 -0.84 8.29
CA PRO B 109 3.48 0.36 7.43
C PRO B 109 2.17 1.15 7.29
N LEU B 110 1.04 0.47 7.38
CA LEU B 110 -0.26 1.11 7.21
C LEU B 110 -0.66 1.93 8.43
N VAL B 111 -0.02 1.67 9.55
CA VAL B 111 -0.16 2.50 10.75
C VAL B 111 0.78 3.66 10.69
N THR B 112 2.02 3.38 10.32
CA THR B 112 2.99 4.45 10.09
C THR B 112 2.42 5.55 9.17
N LYS B 113 1.71 5.11 8.12
CA LYS B 113 1.07 6.03 7.20
C LYS B 113 0.10 6.98 7.94
N VAL B 114 -0.71 6.47 8.86
CA VAL B 114 -1.57 7.38 9.64
C VAL B 114 -0.74 8.31 10.54
N HIS B 115 0.26 7.73 11.19
CA HIS B 115 1.16 8.45 12.11
C HIS B 115 1.72 9.68 11.43
N MET B 116 2.23 9.50 10.21
CA MET B 116 2.80 10.61 9.47
C MET B 116 1.83 11.77 9.28
N GLU B 117 0.54 11.48 9.07
CA GLU B 117 -0.48 12.51 8.84
C GLU B 117 -0.97 13.27 10.09
N VAL B 118 -0.79 12.57 11.24
CA VAL B 118 -1.01 13.23 12.53
C VAL B 118 0.16 14.18 12.81
N ALA B 119 1.38 13.71 12.57
CA ALA B 119 2.58 14.52 12.79
C ALA B 119 2.60 15.82 11.98
N ARG B 120 2.15 15.77 10.72
CA ARG B 120 2.04 16.97 9.90
C ARG B 120 0.95 17.93 10.43
N ALA B 121 -0.19 17.40 10.82
CA ALA B 121 -1.23 18.23 11.44
C ALA B 121 -0.65 18.93 12.69
N SER B 122 0.12 18.20 13.48
CA SER B 122 0.75 18.76 14.68
C SER B 122 1.86 19.76 14.34
N ARG B 123 2.65 19.48 13.31
CA ARG B 123 3.70 20.39 12.83
C ARG B 123 3.14 21.77 12.46
N ARG B 124 1.82 21.85 12.42
CA ARG B 124 1.12 22.94 11.78
C ARG B 124 0.14 23.63 12.72
N GLY B 125 -0.01 23.13 13.95
CA GLY B 125 -0.95 23.68 14.91
C GLY B 125 -2.40 23.61 14.47
N GLU B 126 -2.73 22.57 13.70
CA GLU B 126 -4.07 22.38 13.16
C GLU B 126 -4.66 21.13 13.77
N GLU B 127 -5.91 21.23 14.21
CA GLU B 127 -6.49 20.21 15.07
C GLU B 127 -6.83 18.97 14.26
N SER B 128 -6.77 17.81 14.94
CA SER B 128 -7.04 16.53 14.33
C SER B 128 -7.97 15.75 15.21
N ILE B 129 -8.85 14.97 14.57
CA ILE B 129 -9.79 14.10 15.25
C ILE B 129 -9.46 12.65 14.84
N LEU B 130 -9.27 11.78 15.82
CA LEU B 130 -9.10 10.36 15.56
C LEU B 130 -10.39 9.59 15.84
N ILE B 131 -10.80 8.76 14.90
CA ILE B 131 -11.92 7.85 15.15
C ILE B 131 -11.33 6.54 15.62
N GLY B 132 -11.69 6.14 16.84
CA GLY B 132 -11.08 4.97 17.44
C GLY B 132 -11.54 4.70 18.85
N HIS B 133 -11.08 3.58 19.39
CA HIS B 133 -11.60 3.11 20.67
C HIS B 133 -10.58 3.45 21.77
N ALA B 134 -11.00 4.22 22.77
CA ALA B 134 -10.16 4.58 23.92
C ALA B 134 -9.42 3.36 24.53
N GLY B 135 -8.14 3.52 24.85
CA GLY B 135 -7.37 2.47 25.52
C GLY B 135 -6.62 1.53 24.58
N HIS B 136 -7.05 1.45 23.33
CA HIS B 136 -6.39 0.60 22.34
C HIS B 136 -4.96 1.13 22.10
N PRO B 137 -3.96 0.22 21.99
CA PRO B 137 -2.58 0.66 21.77
C PRO B 137 -2.33 1.41 20.48
N GLU B 138 -3.05 1.09 19.40
CA GLU B 138 -2.93 1.86 18.16
C GLU B 138 -3.37 3.32 18.38
N VAL B 139 -4.43 3.52 19.16
CA VAL B 139 -4.89 4.88 19.49
C VAL B 139 -3.84 5.67 20.30
N GLU B 140 -3.25 5.02 21.30
CA GLU B 140 -2.20 5.62 22.10
C GLU B 140 -1.02 6.03 21.23
N GLY B 141 -0.57 5.15 20.35
CA GLY B 141 0.53 5.48 19.46
C GLY B 141 0.21 6.61 18.48
N THR B 142 -1.01 6.57 17.94
CA THR B 142 -1.45 7.53 16.93
C THR B 142 -1.73 8.90 17.56
N MET B 143 -2.45 8.95 18.68
CA MET B 143 -2.63 10.21 19.44
C MET B 143 -1.28 10.74 19.87
N GLY B 144 -0.36 9.83 20.15
CA GLY B 144 0.98 10.17 20.61
C GLY B 144 1.91 10.73 19.54
N GLN B 145 1.41 10.92 18.33
CA GLN B 145 2.18 11.63 17.30
C GLN B 145 1.89 13.13 17.29
N TYR B 146 0.84 13.54 17.99
CA TYR B 146 0.45 14.95 18.06
C TYR B 146 1.04 15.61 19.30
N SER B 147 1.83 16.67 19.12
CA SER B 147 2.49 17.32 20.26
C SER B 147 2.13 18.80 20.47
N ASN B 148 1.71 19.50 19.42
CA ASN B 148 1.54 20.97 19.45
C ASN B 148 0.39 21.41 20.35
N PRO B 149 0.70 22.11 21.46
CA PRO B 149 -0.38 22.56 22.34
C PRO B 149 -1.25 23.67 21.72
N GLU B 150 -0.75 24.36 20.68
CA GLU B 150 -1.55 25.35 19.97
C GLU B 150 -2.69 24.74 19.16
N GLY B 151 -2.53 23.48 18.76
CA GLY B 151 -3.60 22.76 18.08
C GLY B 151 -4.38 21.93 19.09
N GLY B 152 -4.66 20.68 18.72
CA GLY B 152 -5.33 19.77 19.63
C GLY B 152 -5.58 18.43 18.93
N MET B 153 -5.78 17.39 19.72
CA MET B 153 -5.99 16.04 19.21
C MET B 153 -7.10 15.41 20.02
N TYR B 154 -8.18 15.03 19.35
CA TYR B 154 -9.38 14.57 20.02
C TYR B 154 -9.75 13.17 19.52
N LEU B 155 -10.32 12.35 20.40
CA LEU B 155 -10.78 11.02 20.06
C LEU B 155 -12.30 10.96 20.06
N VAL B 156 -12.88 10.38 19.01
CA VAL B 156 -14.32 10.08 18.95
C VAL B 156 -14.54 8.63 18.54
N GLU B 157 -15.51 7.97 19.18
CA GLU B 157 -15.87 6.59 18.84
C GLU B 157 -17.22 6.49 18.16
N SER B 158 -18.11 7.44 18.44
CA SER B 158 -19.47 7.34 17.94
C SER B 158 -19.96 8.68 17.38
N PRO B 159 -21.08 8.65 16.63
CA PRO B 159 -21.67 9.93 16.20
C PRO B 159 -22.01 10.84 17.39
N ASP B 160 -22.50 10.27 18.49
CA ASP B 160 -22.74 11.04 19.72
C ASP B 160 -21.53 11.81 20.20
N ASP B 161 -20.35 11.18 20.12
CA ASP B 161 -19.11 11.83 20.48
C ASP B 161 -18.85 13.03 19.57
N VAL B 162 -19.21 12.91 18.29
CA VAL B 162 -19.04 13.99 17.34
C VAL B 162 -19.96 15.16 17.67
N TRP B 163 -21.22 14.86 18.00
CA TRP B 163 -22.23 15.90 18.27
C TRP B 163 -21.84 16.75 19.50
N LYS B 164 -21.10 16.19 20.45
CA LYS B 164 -20.77 16.93 21.68
C LYS B 164 -19.33 17.49 21.69
N LEU B 165 -18.53 17.19 20.67
CA LEU B 165 -17.15 17.66 20.61
C LEU B 165 -17.02 19.18 20.39
N THR B 166 -16.18 19.80 21.23
CA THR B 166 -15.77 21.19 21.10
C THR B 166 -14.37 21.27 20.52
N VAL B 167 -14.21 22.12 19.53
CA VAL B 167 -12.97 22.32 18.79
C VAL B 167 -12.68 23.81 18.77
N LYS B 168 -11.40 24.16 18.81
CA LYS B 168 -10.97 25.56 18.83
C LYS B 168 -11.10 26.27 17.49
N ASN B 169 -10.76 25.59 16.39
CA ASN B 169 -10.93 26.20 15.07
C ASN B 169 -11.39 25.20 14.04
N GLU B 170 -12.69 25.26 13.73
CA GLU B 170 -13.33 24.28 12.85
C GLU B 170 -12.95 24.46 11.38
N GLU B 171 -12.33 25.60 11.08
CA GLU B 171 -11.91 25.90 9.72
C GLU B 171 -10.68 25.11 9.31
N LYS B 172 -9.86 24.72 10.29
CA LYS B 172 -8.66 23.93 10.04
C LYS B 172 -8.67 22.64 10.87
N LEU B 173 -9.30 21.63 10.28
CA LEU B 173 -9.57 20.37 10.96
C LEU B 173 -9.34 19.22 9.98
N SER B 174 -8.73 18.17 10.47
CA SER B 174 -8.57 16.94 9.72
C SER B 174 -8.92 15.75 10.61
N PHE B 175 -9.24 14.61 9.99
CA PHE B 175 -9.50 13.41 10.75
C PHE B 175 -8.69 12.26 10.21
N MET B 176 -8.54 11.26 11.08
CA MET B 176 -7.83 10.01 10.80
C MET B 176 -8.65 8.92 11.48
N THR B 177 -8.35 7.66 11.17
CA THR B 177 -9.05 6.55 11.84
C THR B 177 -8.07 5.44 12.20
N GLN B 178 -8.50 4.62 13.17
CA GLN B 178 -7.91 3.32 13.40
C GLN B 178 -8.06 2.44 12.19
N THR B 179 -7.12 1.50 12.04
CA THR B 179 -7.02 0.66 10.85
C THR B 179 -7.95 -0.54 10.91
N THR B 180 -8.50 -0.87 12.08
CA THR B 180 -9.24 -2.11 12.25
C THR B 180 -10.70 -1.93 12.65
N LEU B 181 -11.24 -0.75 12.38
CA LEU B 181 -12.60 -0.48 12.75
C LEU B 181 -13.63 -1.20 11.89
N SER B 182 -14.89 -1.20 12.36
CA SER B 182 -16.02 -1.57 11.49
C SER B 182 -16.12 -0.56 10.33
N VAL B 183 -16.17 -1.07 9.12
CA VAL B 183 -16.30 -0.22 7.97
C VAL B 183 -17.59 0.59 8.07
N ASP B 184 -18.69 -0.13 8.29
CA ASP B 184 -20.02 0.48 8.39
C ASP B 184 -20.19 1.49 9.52
N ASP B 185 -19.81 1.16 10.76
CA ASP B 185 -19.90 2.12 11.86
C ASP B 185 -19.07 3.37 11.63
N THR B 186 -17.90 3.18 11.02
CA THR B 186 -16.96 4.28 10.81
C THR B 186 -17.54 5.29 9.81
N SER B 187 -18.23 4.75 8.81
CA SER B 187 -18.95 5.53 7.84
C SER B 187 -20.02 6.43 8.49
N ASP B 188 -20.77 5.90 9.46
CA ASP B 188 -21.70 6.73 10.25
C ASP B 188 -21.00 7.86 10.99
N VAL B 189 -19.82 7.59 11.56
CA VAL B 189 -19.07 8.62 12.30
C VAL B 189 -18.57 9.70 11.33
N ILE B 190 -18.07 9.28 10.20
CA ILE B 190 -17.61 10.26 9.20
C ILE B 190 -18.75 11.13 8.67
N ASP B 191 -19.92 10.54 8.39
CA ASP B 191 -21.08 11.34 7.97
C ASP B 191 -21.35 12.40 9.02
N ALA B 192 -21.33 11.98 10.29
CA ALA B 192 -21.51 12.89 11.42
C ALA B 192 -20.48 14.01 11.43
N LEU B 193 -19.21 13.66 11.25
CA LEU B 193 -18.13 14.67 11.26
C LEU B 193 -18.32 15.71 10.16
N ARG B 194 -18.75 15.25 8.98
CA ARG B 194 -18.93 16.15 7.85
C ARG B 194 -20.18 17.03 7.99
N LYS B 195 -21.21 16.54 8.67
CA LYS B 195 -22.37 17.36 8.96
C LYS B 195 -22.02 18.44 9.99
N ARG B 196 -21.22 18.05 10.99
CA ARG B 196 -20.87 18.97 12.09
C ARG B 196 -19.76 19.95 11.73
N PHE B 197 -18.79 19.47 10.97
CA PHE B 197 -17.60 20.27 10.61
C PHE B 197 -17.40 20.25 9.12
N PRO B 198 -18.23 20.97 8.36
CA PRO B 198 -18.23 20.91 6.89
C PRO B 198 -16.90 21.13 6.21
N LYS B 199 -15.94 21.79 6.85
CA LYS B 199 -14.64 22.07 6.24
C LYS B 199 -13.58 21.01 6.59
N ILE B 200 -13.97 20.00 7.34
CA ILE B 200 -13.01 18.98 7.79
C ILE B 200 -12.41 18.24 6.61
N VAL B 201 -11.13 17.92 6.70
CA VAL B 201 -10.46 17.21 5.62
C VAL B 201 -10.00 15.82 6.08
N GLY B 202 -10.16 14.84 5.21
CA GLY B 202 -9.75 13.48 5.52
C GLY B 202 -9.18 12.80 4.30
N PRO B 203 -8.91 11.48 4.42
CA PRO B 203 -8.63 10.69 3.23
C PRO B 203 -9.90 10.56 2.40
N ARG B 204 -9.81 9.93 1.25
CA ARG B 204 -10.99 9.74 0.41
C ARG B 204 -12.13 9.06 1.18
N LYS B 205 -11.81 8.05 1.99
CA LYS B 205 -12.83 7.37 2.80
C LYS B 205 -12.41 7.30 4.27
N ASP B 206 -11.46 6.43 4.59
CA ASP B 206 -10.97 6.33 5.96
C ASP B 206 -9.58 5.71 5.94
N ASP B 207 -9.03 5.39 7.10
CA ASP B 207 -7.71 4.74 7.20
C ASP B 207 -7.81 3.27 7.57
N ILE B 208 -9.01 2.70 7.45
CA ILE B 208 -9.18 1.26 7.65
C ILE B 208 -8.38 0.52 6.57
N CYS B 209 -7.58 -0.47 6.97
CA CYS B 209 -6.65 -1.07 6.05
C CYS B 209 -7.36 -2.07 5.14
N TYR B 210 -6.65 -2.47 4.09
CA TYR B 210 -7.20 -3.42 3.09
C TYR B 210 -7.59 -4.72 3.80
N ALA B 211 -6.80 -5.15 4.77
CA ALA B 211 -7.02 -6.46 5.41
C ALA B 211 -8.32 -6.46 6.25
N THR B 212 -8.57 -5.36 6.96
CA THR B 212 -9.80 -5.20 7.74
C THR B 212 -11.02 -5.14 6.80
N THR B 213 -10.94 -4.33 5.77
CA THR B 213 -12.00 -4.23 4.76
C THR B 213 -12.31 -5.59 4.15
N ASN B 214 -11.28 -6.29 3.69
CA ASN B 214 -11.49 -7.58 3.00
C ASN B 214 -12.06 -8.64 3.95
N ARG B 215 -11.63 -8.63 5.21
CA ARG B 215 -12.09 -9.67 6.15
C ARG B 215 -13.52 -9.43 6.53
N GLN B 216 -13.89 -8.16 6.69
CA GLN B 216 -15.30 -7.83 6.88
C GLN B 216 -16.17 -8.20 5.66
N GLU B 217 -15.78 -7.81 4.46
CA GLU B 217 -16.50 -8.25 3.26
C GLU B 217 -16.60 -9.81 3.17
N ALA B 218 -15.49 -10.49 3.44
CA ALA B 218 -15.47 -11.96 3.48
C ALA B 218 -16.38 -12.59 4.55
N VAL B 219 -16.40 -12.05 5.75
CA VAL B 219 -17.28 -12.61 6.76
C VAL B 219 -18.77 -12.26 6.47
N ARG B 220 -19.02 -11.13 5.79
CA ARG B 220 -20.36 -10.89 5.26
C ARG B 220 -20.83 -12.02 4.32
N ALA B 221 -20.01 -12.36 3.33
CA ALA B 221 -20.36 -13.47 2.40
C ALA B 221 -20.57 -14.78 3.14
N LEU B 222 -19.66 -15.10 4.06
CA LEU B 222 -19.71 -16.33 4.86
C LEU B 222 -21.01 -16.41 5.66
N ALA B 223 -21.36 -15.30 6.30
CA ALA B 223 -22.51 -15.29 7.21
C ALA B 223 -23.83 -15.42 6.43
N GLU B 224 -23.86 -15.02 5.16
CA GLU B 224 -25.05 -15.25 4.33
C GLU B 224 -25.39 -16.73 4.18
N GLN B 225 -24.37 -17.59 4.26
CA GLN B 225 -24.56 -19.03 4.03
C GLN B 225 -24.60 -19.87 5.31
N ALA B 226 -23.88 -19.42 6.33
CA ALA B 226 -23.67 -20.20 7.55
C ALA B 226 -24.65 -19.80 8.64
N GLU B 227 -25.08 -20.77 9.44
CA GLU B 227 -25.92 -20.52 10.61
C GLU B 227 -25.09 -20.06 11.77
N VAL B 228 -23.88 -20.61 11.88
CA VAL B 228 -22.98 -20.27 12.97
C VAL B 228 -21.66 -19.87 12.36
N VAL B 229 -21.02 -18.85 12.91
CA VAL B 229 -19.71 -18.40 12.43
C VAL B 229 -18.76 -18.43 13.62
N LEU B 230 -17.65 -19.16 13.46
CA LEU B 230 -16.58 -19.13 14.44
C LEU B 230 -15.51 -18.22 13.92
N VAL B 231 -15.04 -17.30 14.75
CA VAL B 231 -13.95 -16.42 14.41
C VAL B 231 -12.77 -16.73 15.31
N VAL B 232 -11.68 -17.15 14.70
CA VAL B 232 -10.46 -17.45 15.42
C VAL B 232 -9.71 -16.16 15.69
N GLY B 233 -9.45 -15.89 16.96
CA GLY B 233 -8.82 -14.65 17.38
C GLY B 233 -8.95 -14.47 18.87
N SER B 234 -8.00 -13.74 19.47
CA SER B 234 -8.01 -13.49 20.92
C SER B 234 -9.01 -12.39 21.35
N LYS B 235 -9.30 -12.38 22.64
CA LYS B 235 -10.30 -11.44 23.18
C LYS B 235 -9.89 -9.97 22.99
N ASN B 236 -8.59 -9.72 22.96
CA ASN B 236 -8.10 -8.37 22.83
C ASN B 236 -7.75 -8.03 21.37
N SER B 237 -8.19 -8.84 20.41
CA SER B 237 -8.01 -8.50 19.00
C SER B 237 -9.23 -7.71 18.53
N SER B 238 -9.06 -6.42 18.32
CA SER B 238 -10.14 -5.56 17.90
C SER B 238 -10.72 -6.01 16.53
N ASN B 239 -9.84 -6.26 15.56
CA ASN B 239 -10.32 -6.68 14.23
C ASN B 239 -11.09 -7.99 14.28
N SER B 240 -10.69 -8.92 15.15
CA SER B 240 -11.40 -10.21 15.26
C SER B 240 -12.78 -9.98 15.85
N ASN B 241 -12.86 -9.14 16.87
CA ASN B 241 -14.18 -8.79 17.47
C ASN B 241 -15.11 -8.18 16.41
N ARG B 242 -14.56 -7.37 15.50
CA ARG B 242 -15.39 -6.75 14.46
C ARG B 242 -16.01 -7.83 13.55
N LEU B 243 -15.26 -8.89 13.29
CA LEU B 243 -15.77 -9.97 12.45
C LEU B 243 -16.89 -10.71 13.15
N ALA B 244 -16.72 -11.00 14.43
CA ALA B 244 -17.78 -11.70 15.18
C ALA B 244 -19.05 -10.84 15.25
N GLU B 245 -18.87 -9.56 15.53
CA GLU B 245 -19.99 -8.61 15.62
C GLU B 245 -20.76 -8.48 14.31
N LEU B 246 -20.04 -8.45 13.20
CA LEU B 246 -20.66 -8.35 11.89
C LEU B 246 -21.59 -9.54 11.65
N ALA B 247 -21.08 -10.75 11.86
CA ALA B 247 -21.85 -11.97 11.66
C ALA B 247 -23.09 -11.98 12.56
N GLN B 248 -22.92 -11.54 13.80
CA GLN B 248 -24.02 -11.43 14.78
C GLN B 248 -25.10 -10.46 14.32
N ARG B 249 -24.65 -9.29 13.88
CA ARG B 249 -25.54 -8.26 13.41
C ARG B 249 -26.36 -8.73 12.20
N MET B 250 -25.81 -9.65 11.42
CA MET B 250 -26.55 -10.31 10.36
C MET B 250 -27.49 -11.41 10.88
N GLY B 251 -27.61 -11.55 12.19
CA GLY B 251 -28.53 -12.51 12.82
C GLY B 251 -28.03 -13.93 12.89
N LYS B 252 -26.73 -14.14 12.64
CA LYS B 252 -26.13 -15.46 12.84
C LYS B 252 -25.51 -15.55 14.21
N ARG B 253 -25.40 -16.77 14.75
CA ARG B 253 -24.71 -16.95 16.01
C ARG B 253 -23.21 -16.92 15.74
N ALA B 254 -22.47 -16.11 16.49
CA ALA B 254 -21.03 -15.94 16.24
C ALA B 254 -20.28 -16.08 17.53
N PHE B 255 -19.10 -16.68 17.44
CA PHE B 255 -18.27 -16.98 18.59
C PHE B 255 -16.84 -16.61 18.33
N LEU B 256 -16.21 -15.89 19.27
CA LEU B 256 -14.78 -15.57 19.16
C LEU B 256 -14.04 -16.63 19.98
N ILE B 257 -13.14 -17.36 19.33
CA ILE B 257 -12.40 -18.46 19.98
C ILE B 257 -10.92 -18.38 19.72
N ASP B 258 -10.13 -18.67 20.75
CA ASP B 258 -8.70 -18.65 20.61
C ASP B 258 -8.22 -19.86 19.88
N ASP B 259 -8.86 -21.00 20.13
CA ASP B 259 -8.49 -22.26 19.48
C ASP B 259 -9.60 -23.30 19.56
N ALA B 260 -9.36 -24.44 18.93
CA ALA B 260 -10.33 -25.54 18.84
C ALA B 260 -10.94 -25.98 20.18
N LYS B 261 -10.16 -25.92 21.26
CA LYS B 261 -10.63 -26.37 22.58
C LYS B 261 -11.72 -25.49 23.18
N ASP B 262 -11.87 -24.24 22.72
CA ASP B 262 -12.94 -23.36 23.20
C ASP B 262 -14.31 -23.73 22.61
N ILE B 263 -14.33 -24.50 21.53
CA ILE B 263 -15.56 -24.92 20.87
C ILE B 263 -16.42 -25.81 21.80
N GLN B 264 -17.66 -25.43 22.00
CA GLN B 264 -18.62 -26.22 22.80
C GLN B 264 -19.57 -26.92 21.84
N GLU B 265 -19.84 -28.20 22.08
CA GLU B 265 -20.67 -29.00 21.15
C GLU B 265 -22.07 -28.42 20.99
N GLU B 266 -22.58 -27.82 22.05
CA GLU B 266 -23.86 -27.13 22.04
C GLU B 266 -23.94 -26.11 20.90
N TRP B 267 -22.83 -25.45 20.59
CA TRP B 267 -22.79 -24.40 19.59
C TRP B 267 -23.18 -24.89 18.19
N VAL B 268 -22.78 -26.13 17.87
CA VAL B 268 -22.94 -26.69 16.51
C VAL B 268 -23.84 -27.92 16.40
N LYS B 269 -24.43 -28.34 17.52
CA LYS B 269 -25.43 -29.42 17.54
C LYS B 269 -26.56 -29.14 16.54
N GLU B 270 -26.68 -30.03 15.54
CA GLU B 270 -27.73 -29.93 14.51
C GLU B 270 -27.69 -28.64 13.71
N VAL B 271 -26.48 -28.16 13.43
CA VAL B 271 -26.26 -27.04 12.54
C VAL B 271 -25.86 -27.65 11.20
N LYS B 272 -26.56 -27.29 10.14
CA LYS B 272 -26.30 -27.84 8.81
C LYS B 272 -25.18 -27.10 8.08
N CYS B 273 -24.90 -25.88 8.50
CA CYS B 273 -23.80 -25.12 7.91
C CYS B 273 -23.07 -24.25 8.93
N VAL B 274 -21.76 -24.48 9.03
CA VAL B 274 -20.91 -23.74 9.98
C VAL B 274 -19.79 -23.05 9.21
N GLY B 275 -19.54 -21.79 9.54
CA GLY B 275 -18.53 -21.00 8.87
C GLY B 275 -17.35 -20.73 9.79
N VAL B 276 -16.15 -20.67 9.22
CA VAL B 276 -14.96 -20.35 10.01
C VAL B 276 -14.19 -19.21 9.35
N THR B 277 -13.80 -18.21 10.15
CA THR B 277 -12.84 -17.24 9.68
C THR B 277 -11.83 -17.01 10.80
N ALA B 278 -10.92 -16.09 10.54
CA ALA B 278 -9.85 -15.78 11.44
C ALA B 278 -9.50 -14.32 11.28
N GLY B 279 -9.26 -13.63 12.38
CA GLY B 279 -8.74 -12.27 12.35
C GLY B 279 -7.31 -12.20 11.85
N ALA B 280 -6.81 -10.98 11.70
CA ALA B 280 -5.55 -10.71 11.00
C ALA B 280 -4.33 -11.22 11.75
N SER B 281 -4.48 -11.49 13.05
CA SER B 281 -3.35 -11.97 13.85
C SER B 281 -3.41 -13.48 14.20
N ALA B 282 -4.32 -14.23 13.58
CA ALA B 282 -4.55 -15.64 13.91
C ALA B 282 -3.85 -16.56 12.93
N PRO B 283 -2.90 -17.40 13.42
CA PRO B 283 -2.21 -18.30 12.50
C PRO B 283 -3.12 -19.37 11.89
N ASP B 284 -2.78 -19.76 10.66
CA ASP B 284 -3.57 -20.72 9.92
C ASP B 284 -3.60 -22.08 10.61
N ILE B 285 -2.56 -22.45 11.34
CA ILE B 285 -2.58 -23.76 12.04
C ILE B 285 -3.81 -23.81 12.99
N LEU B 286 -4.17 -22.69 13.62
CA LEU B 286 -5.33 -22.66 14.52
C LEU B 286 -6.63 -22.90 13.76
N VAL B 287 -6.73 -22.38 12.56
CA VAL B 287 -7.91 -22.59 11.74
C VAL B 287 -7.99 -24.09 11.35
N GLN B 288 -6.85 -24.67 10.98
CA GLN B 288 -6.80 -26.10 10.65
C GLN B 288 -7.27 -26.97 11.82
N ASN B 289 -6.82 -26.65 13.04
CA ASN B 289 -7.24 -27.43 14.22
C ASN B 289 -8.72 -27.26 14.52
N VAL B 290 -9.25 -26.05 14.34
CA VAL B 290 -10.68 -25.83 14.49
C VAL B 290 -11.45 -26.67 13.48
N VAL B 291 -10.99 -26.68 12.24
CA VAL B 291 -11.67 -27.46 11.20
C VAL B 291 -11.66 -28.95 11.59
N ALA B 292 -10.56 -29.39 12.18
CA ALA B 292 -10.42 -30.81 12.55
C ALA B 292 -11.37 -31.14 13.72
N ARG B 293 -11.48 -30.24 14.68
CA ARG B 293 -12.45 -30.39 15.77
C ARG B 293 -13.89 -30.37 15.24
N LEU B 294 -14.21 -29.49 14.30
CA LEU B 294 -15.56 -29.48 13.70
C LEU B 294 -15.87 -30.77 12.95
N GLN B 295 -14.83 -31.38 12.40
CA GLN B 295 -14.99 -32.64 11.68
C GLN B 295 -15.27 -33.79 12.66
N GLN B 296 -14.68 -33.71 13.85
CA GLN B 296 -14.99 -34.63 14.96
C GLN B 296 -16.42 -34.52 15.45
N LEU B 297 -17.04 -33.37 15.22
CA LEU B 297 -18.42 -33.16 15.60
C LEU B 297 -19.34 -33.31 14.38
N GLY B 298 -18.83 -33.93 13.33
CA GLY B 298 -19.67 -34.35 12.20
C GLY B 298 -19.54 -33.54 10.93
N GLY B 299 -18.61 -32.61 10.89
CA GLY B 299 -18.43 -31.76 9.73
C GLY B 299 -17.75 -32.47 8.58
N GLY B 300 -18.05 -32.03 7.37
CA GLY B 300 -17.43 -32.60 6.19
C GLY B 300 -16.10 -31.96 5.87
N GLU B 301 -15.72 -32.05 4.60
CA GLU B 301 -14.49 -31.45 4.10
C GLU B 301 -14.66 -29.94 4.00
N ALA B 302 -13.69 -29.19 4.51
CA ALA B 302 -13.82 -27.74 4.55
C ALA B 302 -13.81 -27.15 3.14
N ILE B 303 -14.85 -26.39 2.82
CA ILE B 303 -14.92 -25.72 1.52
C ILE B 303 -14.57 -24.23 1.68
N PRO B 304 -13.49 -23.76 1.04
CA PRO B 304 -13.19 -22.35 1.03
C PRO B 304 -14.07 -21.60 0.05
N LEU B 305 -14.58 -20.44 0.45
CA LEU B 305 -15.34 -19.60 -0.47
C LEU B 305 -14.41 -18.88 -1.42
N GLU B 306 -14.91 -18.52 -2.60
CA GLU B 306 -14.16 -17.69 -3.54
C GLU B 306 -14.03 -16.31 -2.88
N GLY B 307 -12.88 -15.67 -3.05
CA GLY B 307 -12.56 -14.48 -2.27
C GLY B 307 -11.76 -13.46 -3.03
N ARG B 308 -11.81 -12.21 -2.57
CA ARG B 308 -11.03 -11.16 -3.18
C ARG B 308 -9.57 -11.54 -2.98
N GLU B 309 -8.78 -11.38 -4.03
CA GLU B 309 -7.37 -11.68 -3.98
C GLU B 309 -6.59 -10.66 -3.13
N GLU B 310 -5.67 -11.12 -2.27
CA GLU B 310 -4.71 -10.24 -1.58
C GLU B 310 -3.34 -10.55 -2.17
N ASN B 311 -2.58 -9.50 -2.47
CA ASN B 311 -1.25 -9.68 -3.03
C ASN B 311 -0.16 -8.88 -2.32
N ILE B 312 -0.47 -8.22 -1.22
CA ILE B 312 0.48 -7.31 -0.61
C ILE B 312 1.35 -8.06 0.39
N VAL B 313 2.65 -7.81 0.32
CA VAL B 313 3.63 -8.33 1.27
C VAL B 313 4.48 -7.15 1.74
N PHE B 314 4.78 -7.11 3.04
CA PHE B 314 5.75 -6.16 3.57
C PHE B 314 7.00 -6.93 4.05
N GLU B 315 8.16 -6.59 3.49
CA GLU B 315 9.39 -7.28 3.87
C GLU B 315 9.94 -6.81 5.20
N VAL B 316 10.67 -7.69 5.89
CA VAL B 316 11.39 -7.30 7.12
C VAL B 316 12.55 -6.37 6.76
N PRO B 317 13.05 -5.57 7.72
CA PRO B 317 14.24 -4.77 7.49
C PRO B 317 15.40 -5.65 6.98
N LYS B 318 16.21 -5.10 6.09
CA LYS B 318 17.33 -5.85 5.49
C LYS B 318 18.26 -6.45 6.54
N GLU B 319 18.45 -5.73 7.65
CA GLU B 319 19.30 -6.20 8.76
C GLU B 319 18.74 -7.48 9.40
N LEU B 320 17.45 -7.74 9.25
CA LEU B 320 16.84 -8.92 9.82
C LEU B 320 16.56 -10.06 8.83
N ARG B 321 17.17 -10.00 7.66
CA ARG B 321 17.05 -11.11 6.70
C ARG B 321 17.76 -12.37 7.17
N VAL B 322 17.08 -13.51 7.06
CA VAL B 322 17.67 -14.82 7.30
C VAL B 322 17.88 -15.50 5.93
#